data_1NZ1
#
_entry.id   1NZ1
#
_entity_poly.entity_id   1
_entity_poly.type   'polyribonucleotide'
_entity_poly.pdbx_seq_one_letter_code
;GGUUCCCCUGCAUAAGGA(SSU)GAACC
;
_entity_poly.pdbx_strand_id   A
#
loop_
_chem_comp.id
_chem_comp.type
_chem_comp.name
_chem_comp.formula
A RNA linking ADENOSINE-5'-MONOPHOSPHATE 'C10 H14 N5 O7 P'
C RNA linking CYTIDINE-5'-MONOPHOSPHATE 'C9 H14 N3 O8 P'
G RNA linking GUANOSINE-5'-MONOPHOSPHATE 'C10 H14 N5 O8 P'
SSU RNA linking URIDINE-5'-PHOSPHOROTHIOATE 'C9 H13 N2 O8 P S'
U RNA linking URIDINE-5'-MONOPHOSPHATE 'C9 H13 N2 O9 P'
#
# COMPACT_ATOMS: atom_id res chain seq x y z
O2' SSU A 19 -2.26 1.55 -3.34
C2' SSU A 19 -1.48 0.99 -2.28
C1' SSU A 19 -1.93 1.53 -0.91
O4' SSU A 19 -2.69 0.49 -0.27
C4' SSU A 19 -2.89 -0.58 -1.19
C5' SSU A 19 -2.92 -1.93 -0.47
O5' SSU A 19 -1.79 -2.08 0.40
P SSU A 19 -1.85 -3.13 1.63
S1P SSU A 19 -3.27 -4.60 1.10
OP2 SSU A 19 -0.45 -3.44 2.03
C3' SSU A 19 -1.72 -0.51 -2.15
O3' SSU A 19 -2.13 -1.01 -3.42
N1 SSU A 19 -0.74 1.90 -0.11
C6 SSU A 19 -0.10 0.98 0.67
C5 SSU A 19 1.00 1.31 1.40
C4 SSU A 19 1.52 2.66 1.37
O4 SSU A 19 2.50 3.05 1.99
N3 SSU A 19 0.81 3.52 0.56
C2 SSU A 19 -0.31 3.21 -0.19
O2 SSU A 19 -0.88 4.05 -0.88
HO2' SSU A 19 -2.73 2.31 -2.98
H2' SSU A 19 -0.42 1.18 -2.42
H1' SSU A 19 -2.55 2.40 -1.06
H4' SSU A 19 -3.82 -0.43 -1.72
H5' SSU A 19 -3.84 -1.99 0.13
H5'' SSU A 19 -2.91 -2.73 -1.20
H3' SSU A 19 -0.84 -1.02 -1.77
H6 SSU A 19 -0.48 -0.05 0.71
H5 SSU A 19 1.49 0.55 2.00
H3 SSU A 19 1.14 4.48 0.51
O2' SSU A 19 -3.09 1.37 -2.67
C2' SSU A 19 -1.83 0.96 -2.12
C1' SSU A 19 -1.83 1.11 -0.60
O4' SSU A 19 -2.14 -0.18 -0.04
C4' SSU A 19 -2.32 -1.13 -1.09
C5' SSU A 19 -1.72 -2.49 -0.73
O5' SSU A 19 -0.66 -2.36 0.23
P SSU A 19 -0.55 -3.40 1.46
S1P SSU A 19 -1.27 -5.25 0.75
OP2 SSU A 19 0.78 -3.21 2.09
C3' SSU A 19 -1.61 -0.53 -2.30
O3' SSU A 19 -2.31 -0.95 -3.47
N1 SSU A 19 -0.50 1.57 -0.12
C6 SSU A 19 0.42 0.70 0.36
C5 SSU A 19 1.64 1.12 0.80
C4 SSU A 19 1.99 2.52 0.77
O4 SSU A 19 3.06 2.99 1.13
N3 SSU A 19 0.99 3.34 0.26
C2 SSU A 19 -0.24 2.93 -0.19
O2 SSU A 19 -1.07 3.73 -0.62
HO2' SSU A 19 -2.92 2.18 -3.17
H2' SSU A 19 -1.00 1.51 -2.56
H1' SSU A 19 -2.59 1.82 -0.30
H4' SSU A 19 -3.38 -1.24 -1.30
H5' SSU A 19 -2.51 -3.12 -0.29
H5'' SSU A 19 -1.34 -2.96 -1.62
H3' SSU A 19 -0.56 -0.80 -2.33
H6 SSU A 19 0.19 -0.37 0.40
H5 SSU A 19 2.35 0.39 1.18
H3 SSU A 19 1.20 4.33 0.21
O2' SSU A 19 -1.93 1.50 -2.71
C2' SSU A 19 -0.93 0.97 -1.84
C1' SSU A 19 -1.21 1.31 -0.38
O4' SSU A 19 -1.79 0.13 0.22
C4' SSU A 19 -1.96 -0.88 -0.78
C5' SSU A 19 -1.73 -2.27 -0.20
O5' SSU A 19 -0.37 -2.45 0.23
P SSU A 19 -0.04 -3.25 1.59
S1P SSU A 19 -0.55 -5.26 1.23
OP2 SSU A 19 1.28 -2.81 2.06
C3' SSU A 19 -0.94 -0.55 -1.85
O3' SSU A 19 -1.44 -1.00 -3.11
N1 SSU A 19 0.02 1.72 0.32
C6 SSU A 19 0.92 0.79 0.77
C5 SSU A 19 2.06 1.16 1.40
C4 SSU A 19 2.36 2.56 1.63
O4 SSU A 19 3.37 2.99 2.18
N3 SSU A 19 1.40 3.43 1.14
C2 SSU A 19 0.23 3.08 0.49
O2 SSU A 19 -0.57 3.92 0.09
HO2' SSU A 19 -1.99 2.45 -2.54
H2' SSU A 19 0.06 1.33 -2.12
H1' SSU A 19 -1.94 2.12 -0.34
H4' SSU A 19 -2.97 -0.82 -1.19
H5' SSU A 19 -2.39 -2.42 0.66
H5'' SSU A 19 -1.96 -3.01 -0.96
H3' SSU A 19 0.04 -0.97 -1.62
H6 SSU A 19 0.70 -0.27 0.64
H5 SSU A 19 2.75 0.40 1.75
H3 SSU A 19 1.57 4.42 1.27
O2' SSU A 19 -2.54 0.78 -1.91
C2' SSU A 19 -1.27 0.54 -1.28
C1' SSU A 19 -1.28 0.93 0.19
O4' SSU A 19 -1.61 -0.26 0.93
C4' SSU A 19 -1.72 -1.37 0.03
C5' SSU A 19 -1.12 -2.64 0.62
O5' SSU A 19 -0.04 -2.35 1.52
P SSU A 19 0.36 -3.40 2.67
S1P SSU A 19 -0.51 -5.25 2.14
OP2 SSU A 19 1.80 -3.23 2.96
C3' SSU A 19 -0.96 -0.95 -1.22
O3' SSU A 19 -1.55 -1.59 -2.35
N1 SSU A 19 0.03 1.46 0.59
C6 SSU A 19 0.97 0.66 1.16
C5 SSU A 19 2.19 1.14 1.52
C4 SSU A 19 2.53 2.53 1.30
O4 SSU A 19 3.60 3.05 1.59
N3 SSU A 19 1.51 3.27 0.73
C2 SSU A 19 0.26 2.80 0.36
O2 SSU A 19 -0.58 3.53 -0.15
HO2' SSU A 19 -2.40 1.40 -2.63
H2' SSU A 19 -0.47 1.06 -1.81
H1' SSU A 19 -2.05 1.69 0.36
H4' SSU A 19 -2.77 -1.53 -0.22
H5' SSU A 19 -1.90 -3.18 1.17
H5'' SSU A 19 -0.76 -3.28 -0.19
H3' SSU A 19 0.11 -1.14 -1.13
H6 SSU A 19 0.75 -0.39 1.34
H5 SSU A 19 2.93 0.47 1.96
H3 SSU A 19 1.69 4.26 0.56
O2' SSU A 19 -3.03 0.89 -2.65
C2' SSU A 19 -1.81 0.56 -1.99
C1' SSU A 19 -1.89 0.83 -0.48
O4' SSU A 19 -2.22 -0.41 0.14
C4' SSU A 19 -2.31 -1.45 -0.83
C5' SSU A 19 -1.71 -2.76 -0.32
O5' SSU A 19 -0.56 -2.52 0.50
P SSU A 19 -0.04 -3.66 1.51
S1P SSU A 19 -0.73 -5.51 0.74
OP2 SSU A 19 1.39 -3.38 1.81
C3' SSU A 19 -1.54 -0.93 -2.04
O3' SSU A 19 -2.14 -1.46 -3.22
N1 SSU A 19 -0.62 1.36 0.03
C6 SSU A 19 0.26 0.56 0.70
C5 SSU A 19 1.43 1.05 1.18
C4 SSU A 19 1.79 2.44 0.99
O4 SSU A 19 2.82 2.97 1.39
N3 SSU A 19 0.84 3.18 0.29
C2 SSU A 19 -0.36 2.70 -0.20
O2 SSU A 19 -1.14 3.43 -0.81
HO2' SSU A 19 -3.47 0.08 -2.88
H2' SSU A 19 -0.97 1.11 -2.42
H1' SSU A 19 -2.69 1.55 -0.30
H4' SSU A 19 -3.35 -1.62 -1.11
H5' SSU A 19 -2.46 -3.29 0.25
H5'' SSU A 19 -1.40 -3.38 -1.17
H3' SSU A 19 -0.48 -1.16 -1.97
H6 SSU A 19 0.02 -0.49 0.85
H5 SSU A 19 2.10 0.39 1.72
H3 SSU A 19 1.05 4.15 0.14
O2' SSU A 19 -2.60 0.69 -3.00
C2' SSU A 19 -1.41 0.44 -2.26
C1' SSU A 19 -1.58 0.78 -0.78
O4' SSU A 19 -2.01 -0.43 -0.13
C4' SSU A 19 -1.95 -1.52 -1.05
C5' SSU A 19 -1.36 -2.77 -0.40
O5' SSU A 19 -0.47 -2.44 0.66
P SSU A 19 -0.06 -3.55 1.76
S1P SSU A 19 -0.81 -5.40 1.06
OP2 SSU A 19 1.35 -3.32 2.13
C3' SSU A 19 -1.08 -1.04 -2.20
O3' SSU A 19 -1.52 -1.65 -3.41
N1 SSU A 19 -0.31 1.28 -0.21
C6 SSU A 19 0.55 0.44 0.44
C5 SSU A 19 1.72 0.89 0.95
C4 SSU A 19 2.09 2.28 0.83
O4 SSU A 19 3.13 2.78 1.26
N3 SSU A 19 1.17 3.05 0.15
C2 SSU A 19 -0.03 2.62 -0.39
O2 SSU A 19 -0.79 3.38 -0.97
HO2' SSU A 19 -2.59 1.61 -3.25
H2' SSU A 19 -0.56 0.99 -2.67
H1' SSU A 19 -2.35 1.55 -0.68
H4' SSU A 19 -2.95 -1.74 -1.42
H5' SSU A 19 -2.18 -3.38 0.00
H5'' SSU A 19 -0.83 -3.35 -1.15
H3' SSU A 19 -0.02 -1.22 -2.02
H6 SSU A 19 0.29 -0.61 0.56
H5 SSU A 19 2.38 0.20 1.47
H3 SSU A 19 1.40 4.03 0.04
O2' SSU A 19 0.04 1.70 -2.03
C2' SSU A 19 0.81 0.94 -1.09
C1' SSU A 19 0.38 1.26 0.36
O4' SSU A 19 -0.43 0.16 0.81
C4' SSU A 19 -0.61 -0.78 -0.25
C5' SSU A 19 -0.59 -2.21 0.28
O5' SSU A 19 0.50 -2.42 1.18
P SSU A 19 0.51 -3.69 2.18
S1P SSU A 19 -0.37 -5.29 1.14
OP2 SSU A 19 1.84 -3.76 2.83
C3' SSU A 19 0.55 -0.55 -1.21
O3' SSU A 19 0.09 -0.81 -2.54
N1 SSU A 19 1.56 1.44 1.22
C6 SSU A 19 2.22 0.37 1.74
C5 SSU A 19 3.31 0.53 2.54
C4 SSU A 19 3.80 1.85 2.85
O4 SSU A 19 4.78 2.09 3.56
N3 SSU A 19 3.07 2.87 2.28
C2 SSU A 19 1.96 2.74 1.47
O2 SSU A 19 1.38 3.71 1.00
HO2' SSU A 19 0.49 2.53 -2.17
H2' SSU A 19 1.87 1.15 -1.20
H1' SSU A 19 -0.22 2.17 0.36
H4' SSU A 19 -1.55 -0.59 -0.76
H5' SSU A 19 -1.52 -2.42 0.79
H5'' SSU A 19 -0.49 -2.91 -0.56
H3' SSU A 19 1.42 -1.14 -0.95
H6 SSU A 19 1.87 -0.64 1.52
H5 SSU A 19 3.83 -0.35 2.94
H3 SSU A 19 3.39 3.82 2.47
O2' SSU A 19 -2.23 1.39 -2.22
C2' SSU A 19 -0.94 1.16 -1.65
C1' SSU A 19 -0.95 1.36 -0.13
O4' SSU A 19 -1.14 0.06 0.45
C4' SSU A 19 -1.17 -0.94 -0.57
C5' SSU A 19 -0.42 -2.21 -0.15
O5' SSU A 19 0.72 -1.90 0.66
P SSU A 19 1.58 -3.08 1.35
S1P SSU A 19 1.18 -4.84 0.24
OP2 SSU A 19 2.93 -2.57 1.61
C3' SSU A 19 -0.52 -0.30 -1.78
O3' SSU A 19 -1.11 -0.83 -2.96
N1 SSU A 19 0.30 1.97 0.33
C6 SSU A 19 1.32 1.21 0.82
C5 SSU A 19 2.47 1.76 1.25
C4 SSU A 19 2.68 3.19 1.21
O4 SSU A 19 3.68 3.79 1.58
N3 SSU A 19 1.60 3.90 0.70
C2 SSU A 19 0.41 3.35 0.26
O2 SSU A 19 -0.50 4.05 -0.19
HO2' SSU A 19 -2.21 2.24 -2.65
H2' SSU A 19 -0.20 1.81 -2.10
H1' SSU A 19 -1.79 2.00 0.13
H4' SSU A 19 -2.20 -1.19 -0.81
H5' SSU A 19 -1.10 -2.84 0.43
H5'' SSU A 19 -0.10 -2.75 -1.04
H3' SSU A 19 0.57 -0.41 -1.77
H6 SSU A 19 1.21 0.12 0.86
H5 SSU A 19 3.27 1.12 1.64
H3 SSU A 19 1.68 4.90 0.65
O2' SSU A 19 -2.05 1.09 -2.01
C2' SSU A 19 -0.96 0.63 -1.20
C1' SSU A 19 -1.15 1.03 0.26
O4' SSU A 19 -1.76 -0.09 0.92
C4' SSU A 19 -1.85 -1.19 0.02
C5' SSU A 19 -1.47 -2.50 0.70
O5' SSU A 19 -0.45 -2.31 1.68
P SSU A 19 -0.26 -3.36 2.88
S1P SSU A 19 -1.14 -5.17 2.24
OP2 SSU A 19 1.13 -3.26 3.36
C3' SSU A 19 -0.91 -0.87 -1.13
O3' SSU A 19 -1.46 -1.41 -2.33
N1 SSU A 19 0.15 1.37 0.89
C6 SSU A 19 0.92 0.40 1.48
C5 SSU A 19 2.11 0.71 2.04
C4 SSU A 19 2.61 2.05 2.05
O4 SSU A 19 3.68 2.42 2.54
N3 SSU A 19 1.77 2.97 1.44
C2 SSU A 19 0.55 2.69 0.85
O2 SSU A 19 -0.14 3.56 0.33
HO2' SSU A 19 -1.70 1.26 -2.89
H2' SSU A 19 -0.01 1.03 -1.57
H1' SSU A 19 -1.81 1.90 0.33
H4' SSU A 19 -2.88 -1.27 -0.36
H5' SSU A 19 -2.35 -2.93 1.19
H5'' SSU A 19 -1.11 -3.21 -0.05
H3' SSU A 19 0.10 -1.23 -0.93
H6 SSU A 19 0.57 -0.63 1.49
H5 SSU A 19 2.70 -0.09 2.50
H3 SSU A 19 2.07 3.94 1.42
O2' SSU A 19 -1.56 0.59 -2.68
C2' SSU A 19 -0.46 0.07 -1.93
C1' SSU A 19 -0.61 0.38 -0.43
O4' SSU A 19 -0.94 -0.86 0.22
C4' SSU A 19 -1.24 -1.85 -0.76
C5' SSU A 19 -0.87 -3.25 -0.28
O5' SSU A 19 0.18 -3.22 0.67
P SSU A 19 0.27 -4.31 1.85
S1P SSU A 19 -0.73 -6.03 1.13
OP2 SSU A 19 1.65 -4.33 2.37
C3' SSU A 19 -0.43 -1.45 -1.98
O3' SSU A 19 -1.13 -1.88 -3.15
N1 SSU A 19 0.62 0.95 0.12
C6 SSU A 19 1.52 0.18 0.82
C5 SSU A 19 2.66 0.71 1.33
C4 SSU A 19 2.97 2.11 1.16
O4 SSU A 19 3.98 2.68 1.58
N3 SSU A 19 2.01 2.82 0.44
C2 SSU A 19 0.84 2.30 -0.09
O2 SSU A 19 0.05 3.00 -0.72
HO2' SSU A 19 -1.20 1.10 -3.40
H2' SSU A 19 0.48 0.48 -2.29
H1' SSU A 19 -1.43 1.09 -0.29
H4' SSU A 19 -2.30 -1.81 -1.00
H5' SSU A 19 -1.74 -3.71 0.18
H5'' SSU A 19 -0.56 -3.85 -1.14
H3' SSU A 19 0.59 -1.83 -1.94
H6 SSU A 19 1.31 -0.88 0.96
H5 SSU A 19 3.35 0.07 1.88
H3 SSU A 19 2.19 3.80 0.29
O2' SSU A 19 -1.73 1.31 -3.39
C2' SSU A 19 -0.63 0.97 -2.53
C1' SSU A 19 -0.99 1.22 -1.06
O4' SSU A 19 -1.30 -0.06 -0.49
C4' SSU A 19 -1.28 -1.06 -1.51
C5' SSU A 19 -0.78 -2.40 -0.96
O5' SSU A 19 0.15 -2.22 0.10
P SSU A 19 0.69 -3.49 0.92
S1P SSU A 19 0.21 -5.20 -0.22
OP2 SSU A 19 2.05 -3.19 1.41
C3' SSU A 19 -0.34 -0.52 -2.57
O3' SSU A 19 -0.75 -1.03 -3.84
N1 SSU A 19 0.14 1.86 -0.35
C6 SSU A 19 1.08 1.10 0.32
C5 SSU A 19 2.11 1.68 0.97
C4 SSU A 19 2.27 3.12 0.98
O4 SSU A 19 3.18 3.73 1.54
N3 SSU A 19 1.30 3.80 0.28
C2 SSU A 19 0.23 3.23 -0.39
O2 SSU A 19 -0.60 3.91 -1.00
HO2' SSU A 19 -1.84 2.27 -3.35
H2' SSU A 19 0.26 1.53 -2.80
H1' SSU A 19 -1.86 1.86 -1.00
H4' SSU A 19 -2.27 -1.18 -1.92
H5' SSU A 19 -1.63 -2.97 -0.59
H5'' SSU A 19 -0.30 -2.95 -1.77
H3' SSU A 19 0.70 -0.73 -2.35
H6 SSU A 19 0.97 0.02 0.33
H5 SSU A 19 2.83 1.06 1.49
H3 SSU A 19 1.36 4.81 0.25
O2' SSU A 19 -2.60 1.53 -3.08
C2' SSU A 19 -1.42 1.09 -2.39
C1' SSU A 19 -1.61 1.12 -0.88
O4' SSU A 19 -2.01 -0.21 -0.49
C4' SSU A 19 -1.98 -1.09 -1.61
C5' SSU A 19 -1.38 -2.44 -1.25
O5' SSU A 19 -0.21 -2.28 -0.44
P SSU A 19 0.36 -3.52 0.42
S1P SSU A 19 -0.09 -5.27 -0.67
OP2 SSU A 19 1.74 -3.18 0.87
C3' SSU A 19 -1.14 -0.37 -2.66
O3' SSU A 19 -1.65 -0.71 -3.96
N1 SSU A 19 -0.36 1.51 -0.20
C6 SSU A 19 0.48 0.58 0.33
C5 SSU A 19 1.63 0.94 0.96
C4 SSU A 19 2.00 2.33 1.08
O4 SSU A 19 3.03 2.75 1.62
N3 SSU A 19 1.09 3.21 0.51
C2 SSU A 19 -0.08 2.87 -0.12
O2 SSU A 19 -0.84 3.72 -0.60
HO2' SSU A 19 -2.82 2.40 -2.74
H2' SSU A 19 -0.55 1.70 -2.67
H1' SSU A 19 -2.40 1.82 -0.63
H4' SSU A 19 -2.98 -1.22 -2.00
H5' SSU A 19 -2.11 -3.02 -0.71
H5'' SSU A 19 -1.10 -2.97 -2.17
H3' SSU A 19 -0.07 -0.61 -2.56
H6 SSU A 19 0.23 -0.47 0.27
H5 SSU A 19 2.29 0.18 1.36
H3 SSU A 19 1.30 4.20 0.58
O2' SSU A 19 -2.15 1.57 -2.93
C2' SSU A 19 -0.93 1.25 -2.27
C1' SSU A 19 -1.12 1.21 -0.75
O4' SSU A 19 -1.43 -0.16 -0.41
C4' SSU A 19 -1.28 -1.00 -1.56
C5' SSU A 19 -0.54 -2.28 -1.21
O5' SSU A 19 0.28 -2.12 -0.05
P SSU A 19 0.82 -3.40 0.76
S1P SSU A 19 0.46 -5.09 -0.46
OP2 SSU A 19 2.16 -3.07 1.32
C3' SSU A 19 -0.50 -0.17 -2.57
O3' SSU A 19 -0.95 -0.51 -3.88
N1 SSU A 19 0.10 1.66 -0.05
C6 SSU A 19 1.04 0.77 0.38
C5 SSU A 19 2.16 1.17 1.03
C4 SSU A 19 2.39 2.58 1.29
O4 SSU A 19 3.37 3.04 1.87
N3 SSU A 19 1.39 3.41 0.82
C2 SSU A 19 0.25 3.02 0.16
O2 SSU A 19 -0.60 3.83 -0.22
HO2' SSU A 19 -1.93 2.04 -3.74
H2' SSU A 19 -0.14 1.95 -2.53
H1' SSU A 19 -1.96 1.85 -0.47
H4' SSU A 19 -2.26 -1.24 -1.96
H5' SSU A 19 -1.26 -3.07 -1.03
H5'' SSU A 19 0.09 -2.57 -2.05
H3' SSU A 19 0.58 -0.30 -2.46
H6 SSU A 19 0.90 -0.30 0.19
H5 SSU A 19 2.89 0.44 1.35
H3 SSU A 19 1.51 4.41 0.98
O2' SSU A 19 -0.86 1.40 -1.02
C2' SSU A 19 0.19 0.81 -0.27
C1' SSU A 19 0.06 1.11 1.23
O4' SSU A 19 -0.41 -0.07 1.87
C4' SSU A 19 -0.70 -1.07 0.89
C5' SSU A 19 -0.36 -2.47 1.41
O5' SSU A 19 0.77 -2.44 2.29
P SSU A 19 1.31 -3.78 2.97
S1P SSU A 19 0.47 -5.39 1.88
OP2 SSU A 19 2.76 -3.63 3.21
C3' SSU A 19 0.13 -0.71 -0.32
O3' SSU A 19 -0.59 -1.08 -1.50
N1 SSU A 19 1.34 1.55 1.81
C6 SSU A 19 2.20 0.65 2.38
C5 SSU A 19 3.37 1.04 2.93
C4 SSU A 19 3.76 2.44 2.93
O4 SSU A 19 4.80 2.89 3.40
N3 SSU A 19 2.84 3.28 2.32
C2 SSU A 19 1.64 2.90 1.77
O2 SSU A 19 0.87 3.71 1.25
HO2' SSU A 19 -0.49 1.71 -1.85
H2' SSU A 19 1.17 1.15 -0.62
H1' SSU A 19 -0.68 1.91 1.36
H4' SSU A 19 -1.76 -1.03 0.64
H5' SSU A 19 -1.22 -2.87 1.94
H5'' SSU A 19 -0.14 -3.12 0.56
H3' SSU A 19 1.12 -1.16 -0.28
H6 SSU A 19 1.94 -0.41 2.40
H5 SSU A 19 4.04 0.30 3.39
H3 SSU A 19 3.07 4.26 2.30
O2' SSU A 19 -1.85 0.62 -2.87
C2' SSU A 19 -1.09 0.01 -1.82
C1' SSU A 19 -1.42 0.62 -0.46
O4' SSU A 19 -1.99 -0.42 0.34
C4' SSU A 19 -2.42 -1.48 -0.51
C5' SSU A 19 -2.41 -2.82 0.22
O5' SSU A 19 -1.15 -3.07 0.85
P SSU A 19 -1.10 -3.71 2.33
S1P SSU A 19 -2.10 -5.57 2.19
OP2 SSU A 19 0.28 -3.55 2.85
C3' SSU A 19 -1.46 -1.46 -1.67
O3' SSU A 19 -2.16 -1.87 -2.85
N1 SSU A 19 -0.22 1.18 0.17
C6 SSU A 19 0.67 0.37 0.85
C5 SSU A 19 1.79 0.88 1.42
C4 SSU A 19 2.08 2.30 1.36
O4 SSU A 19 3.06 2.84 1.84
N3 SSU A 19 1.14 3.03 0.65
C2 SSU A 19 -0.01 2.54 0.06
O2 SSU A 19 -0.79 3.26 -0.56
HO2' SSU A 19 -2.48 -0.03 -3.19
H2' SSU A 19 -0.02 0.10 -2.02
H1' SSU A 19 -2.15 1.41 -0.59
H4' SSU A 19 -3.43 -1.27 -0.86
H5' SSU A 19 -3.20 -2.83 0.97
H5'' SSU A 19 -2.61 -3.62 -0.51
H3' SSU A 19 -0.58 -2.08 -1.49
H6 SSU A 19 0.47 -0.70 0.91
H5 SSU A 19 2.47 0.22 1.95
H3 SSU A 19 1.29 4.02 0.57
O2' SSU A 19 -1.26 0.40 -0.61
C2' SSU A 19 0.10 0.16 -0.21
C1' SSU A 19 0.25 0.20 1.30
O4' SSU A 19 0.05 -1.15 1.76
C4' SSU A 19 -0.02 -2.03 0.64
C5' SSU A 19 0.77 -3.32 0.89
O5' SSU A 19 1.78 -3.12 1.89
P SSU A 19 1.95 -4.12 3.15
S1P SSU A 19 1.30 -6.02 2.53
OP2 SSU A 19 3.28 -3.88 3.74
C3' SSU A 19 0.53 -1.25 -0.53
O3' SSU A 19 -0.14 -1.67 -1.73
N1 SSU A 19 1.57 0.71 1.68
C6 SSU A 19 2.54 -0.13 2.17
C5 SSU A 19 3.77 0.33 2.52
C4 SSU A 19 4.10 1.73 2.37
O4 SSU A 19 5.18 2.24 2.65
N3 SSU A 19 3.07 2.51 1.86
C2 SSU A 19 1.81 2.06 1.51
O2 SSU A 19 0.96 2.82 1.07
HO2' SSU A 19 -1.82 0.25 0.15
H2' SSU A 19 0.77 0.89 -0.67
H1' SSU A 19 -0.53 0.84 1.73
H4' SSU A 19 -1.07 -2.29 0.45
H5' SSU A 19 0.08 -4.09 1.22
H5'' SSU A 19 1.24 -3.63 -0.04
H3' SSU A 19 1.61 -1.34 -0.61
H6 SSU A 19 2.31 -1.18 2.31
H5 SSU A 19 4.51 -0.35 2.91
H3 SSU A 19 3.25 3.50 1.74
O2' SSU A 19 -1.98 1.21 -1.74
C2' SSU A 19 -0.69 0.82 -1.29
C1' SSU A 19 -0.58 0.87 0.24
O4' SSU A 19 -1.00 -0.42 0.71
C4' SSU A 19 -1.09 -1.34 -0.39
C5' SSU A 19 -0.40 -2.66 -0.05
O5' SSU A 19 0.56 -2.51 1.00
P SSU A 19 1.11 -3.79 1.80
S1P SSU A 19 0.47 -5.49 0.73
OP2 SSU A 19 2.52 -3.53 2.15
C3' SSU A 19 -0.41 -0.65 -1.56
O3' SSU A 19 -1.10 -1.02 -2.76
N1 SSU A 19 0.81 1.17 0.66
C6 SSU A 19 1.65 0.16 1.03
C5 SSU A 19 2.92 0.42 1.43
C4 SSU A 19 3.42 1.78 1.47
O4 SSU A 19 4.56 2.10 1.80
N3 SSU A 19 2.51 2.74 1.06
C2 SSU A 19 1.21 2.49 0.66
O2 SSU A 19 0.45 3.40 0.32
HO2' SSU A 19 -1.92 1.38 -2.69
H2' SSU A 19 0.10 1.43 -1.74
H1' SSU A 19 -1.25 1.65 0.61
H4' SSU A 19 -2.13 -1.52 -0.61
H5' SSU A 19 -1.15 -3.38 0.26
H5'' SSU A 19 0.10 -3.04 -0.95
H3' SSU A 19 0.65 -0.86 -1.60
H6 SSU A 19 1.30 -0.87 1.03
H5 SSU A 19 3.57 -0.40 1.73
H3 SSU A 19 2.81 3.70 1.07
#